data_2GWH
#
_entry.id   2GWH
#
_cell.length_a   135.216
_cell.length_b   135.216
_cell.length_c   158.072
_cell.angle_alpha   90.00
_cell.angle_beta   90.00
_cell.angle_gamma   90.00
#
_symmetry.space_group_name_H-M   'I 4 2 2'
#
loop_
_entity.id
_entity.type
_entity.pdbx_description
1 polymer 'Sulfotransferase 1C2'
2 non-polymer "ADENOSINE-3'-5'-DIPHOSPHATE"
3 non-polymer PENTACHLOROPHENOL
4 non-polymer 'UNKNOWN ATOM OR ION'
5 water water
#
_entity_poly.entity_id   1
_entity_poly.type   'polypeptide(L)'
_entity_poly.pdbx_seq_one_letter_code
;GSEDFTFDGTKRLSVNYVKGILQPTDTCDIWDKIWNFQAKPDDLLISTYPKAGTTWTQEIVELIQNEGDVEKSKRAPTHQ
RFPFLEMKIPSLGSGLEQAHAMPSPRILKTHLPFHLLPPSLLEKNCKIIYVARNPKDNMVSYYHFQRMNKALPAPGTWEE
YFETFLAGKVCWGSWHEHVKGWWEAKDKHRILYLFYEDMKKNPKHEIQKLAEFIGKKLDDKVLDKIVHYTSFDVMKQNPM
ANYSSIPAEIMDHSISPFMRKGAVGDWKKHFTVAQNERFDEDYKKKMTDTRLTFHFQF
;
_entity_poly.pdbx_strand_id   A,B
#
loop_
_chem_comp.id
_chem_comp.type
_chem_comp.name
_chem_comp.formula
A3P RNA linking ADENOSINE-3'-5'-DIPHOSPHATE 'C10 H15 N5 O10 P2'
PCI non-polymer PENTACHLOROPHENOL 'C6 H Cl5 O'
UNX non-polymer 'UNKNOWN ATOM OR ION' ?
#
# COMPACT_ATOMS: atom_id res chain seq x y z
N ARG A 12 26.63 -9.89 -8.26
CA ARG A 12 25.56 -10.43 -9.14
C ARG A 12 26.02 -10.64 -10.60
N LEU A 13 25.46 -11.68 -11.24
CA LEU A 13 25.69 -11.93 -12.65
C LEU A 13 25.07 -10.81 -13.49
N SER A 14 25.70 -10.52 -14.62
CA SER A 14 25.24 -9.45 -15.50
CA SER A 14 25.26 -9.45 -15.52
C SER A 14 24.13 -9.94 -16.42
N VAL A 15 23.32 -8.99 -16.88
CA VAL A 15 22.26 -9.28 -17.83
C VAL A 15 22.38 -8.29 -19.00
N ASN A 16 21.84 -8.66 -20.16
CA ASN A 16 21.76 -7.75 -21.31
C ASN A 16 20.48 -7.99 -22.09
N TYR A 17 20.18 -7.10 -23.03
CA TYR A 17 19.04 -7.28 -23.91
C TYR A 17 19.33 -8.28 -25.03
N VAL A 18 18.45 -9.27 -25.20
CA VAL A 18 18.46 -10.14 -26.37
C VAL A 18 17.06 -10.13 -26.98
N LYS A 19 16.98 -9.74 -28.25
CA LYS A 19 15.72 -9.62 -28.98
C LYS A 19 14.64 -8.85 -28.20
N GLY A 20 15.05 -7.79 -27.50
CA GLY A 20 14.14 -6.89 -26.81
C GLY A 20 13.87 -7.18 -25.33
N ILE A 21 14.35 -8.32 -24.83
CA ILE A 21 14.12 -8.69 -23.43
C ILE A 21 15.44 -8.87 -22.68
N LEU A 22 15.46 -8.43 -21.43
CA LEU A 22 16.59 -8.69 -20.58
C LEU A 22 16.71 -10.18 -20.30
N GLN A 23 17.95 -10.66 -20.38
CA GLN A 23 18.31 -12.04 -20.11
C GLN A 23 19.68 -12.02 -19.48
N PRO A 24 20.00 -13.00 -18.60
CA PRO A 24 21.43 -13.19 -18.24
C PRO A 24 22.36 -13.15 -19.47
N THR A 25 23.53 -12.54 -19.30
CA THR A 25 24.51 -12.32 -20.38
C THR A 25 24.76 -13.56 -21.25
N ASP A 26 24.84 -14.73 -20.59
CA ASP A 26 25.18 -15.99 -21.27
C ASP A 26 24.06 -16.49 -22.19
N THR A 27 22.82 -16.13 -21.89
CA THR A 27 21.67 -16.45 -22.74
C THR A 27 21.71 -15.64 -24.04
N CYS A 28 22.03 -14.34 -23.91
CA CYS A 28 22.17 -13.45 -25.07
C CYS A 28 23.17 -14.00 -26.07
N ASP A 29 24.29 -14.50 -25.56
CA ASP A 29 25.41 -14.98 -26.38
C ASP A 29 25.05 -16.23 -27.20
N ILE A 30 24.09 -17.02 -26.70
CA ILE A 30 23.68 -18.27 -27.37
C ILE A 30 22.28 -18.22 -27.99
N TRP A 31 21.80 -17.02 -28.33
CA TRP A 31 20.43 -16.88 -28.83
C TRP A 31 20.13 -17.71 -30.08
N ASP A 32 21.04 -17.70 -31.05
CA ASP A 32 20.87 -18.45 -32.29
C ASP A 32 20.71 -19.95 -32.01
N LYS A 33 21.44 -20.44 -31.04
CA LYS A 33 21.39 -21.86 -30.65
C LYS A 33 20.00 -22.21 -30.04
N ILE A 34 19.52 -21.30 -29.20
CA ILE A 34 18.20 -21.44 -28.56
C ILE A 34 17.10 -21.39 -29.61
N TRP A 35 17.10 -20.34 -30.42
CA TRP A 35 16.11 -20.19 -31.51
C TRP A 35 15.99 -21.48 -32.36
N ASN A 36 17.14 -22.08 -32.68
CA ASN A 36 17.19 -23.31 -33.50
C ASN A 36 17.13 -24.63 -32.72
N PHE A 37 16.59 -24.58 -31.49
CA PHE A 37 16.28 -25.76 -30.70
C PHE A 37 15.47 -26.75 -31.53
N GLN A 38 15.77 -28.03 -31.38
CA GLN A 38 15.03 -29.11 -32.04
C GLN A 38 14.09 -29.84 -31.09
N ALA A 39 12.80 -29.67 -31.33
CA ALA A 39 11.78 -30.34 -30.52
C ALA A 39 11.52 -31.75 -31.04
N LYS A 40 10.92 -32.58 -30.19
CA LYS A 40 10.37 -33.90 -30.58
C LYS A 40 8.85 -33.83 -30.49
N PRO A 41 8.12 -34.58 -31.36
CA PRO A 41 6.66 -34.48 -31.32
C PRO A 41 6.10 -34.77 -29.89
N ASP A 42 6.78 -35.64 -29.15
CA ASP A 42 6.31 -36.08 -27.82
C ASP A 42 6.88 -35.29 -26.61
N ASP A 43 7.56 -34.19 -26.89
CA ASP A 43 8.00 -33.22 -25.86
C ASP A 43 6.79 -32.59 -25.18
N LEU A 44 6.89 -32.38 -23.86
CA LEU A 44 5.92 -31.56 -23.15
C LEU A 44 6.67 -30.32 -22.76
N LEU A 45 6.05 -29.17 -23.00
CA LEU A 45 6.70 -27.88 -22.66
C LEU A 45 5.89 -27.17 -21.60
N ILE A 46 6.55 -26.81 -20.51
CA ILE A 46 5.97 -25.97 -19.47
C ILE A 46 6.48 -24.54 -19.68
N SER A 47 5.53 -23.63 -19.93
CA SER A 47 5.84 -22.25 -20.31
C SER A 47 5.20 -21.32 -19.29
N THR A 48 5.96 -20.38 -18.76
CA THR A 48 5.47 -19.49 -17.71
C THR A 48 6.26 -18.19 -17.73
N TYR A 49 5.61 -17.09 -17.35
CA TYR A 49 6.32 -15.91 -16.91
C TYR A 49 7.08 -16.33 -15.63
N PRO A 50 8.28 -15.78 -15.37
CA PRO A 50 8.97 -16.19 -14.14
C PRO A 50 8.07 -16.06 -12.93
N LYS A 51 8.09 -17.09 -12.07
CA LYS A 51 7.38 -17.08 -10.76
C LYS A 51 5.84 -17.31 -10.87
N ALA A 52 5.37 -17.68 -12.06
CA ALA A 52 3.96 -17.98 -12.27
C ALA A 52 3.50 -19.37 -11.77
N GLY A 53 4.44 -20.25 -11.39
CA GLY A 53 4.08 -21.60 -10.88
C GLY A 53 4.73 -22.72 -11.66
N THR A 54 5.95 -22.45 -12.16
CA THR A 54 6.67 -23.39 -13.01
C THR A 54 6.99 -24.70 -12.28
N THR A 55 7.58 -24.58 -11.10
CA THR A 55 8.13 -25.73 -10.36
C THR A 55 6.99 -26.66 -9.90
N TRP A 56 5.89 -26.06 -9.45
CA TRP A 56 4.67 -26.75 -9.09
C TRP A 56 4.13 -27.57 -10.27
N THR A 57 4.01 -26.90 -11.42
CA THR A 57 3.44 -27.49 -12.63
C THR A 57 4.31 -28.65 -13.16
N GLN A 58 5.62 -28.45 -13.15
CA GLN A 58 6.59 -29.49 -13.57
C GLN A 58 6.41 -30.75 -12.72
N GLU A 59 6.29 -30.55 -11.39
CA GLU A 59 6.16 -31.67 -10.49
C GLU A 59 4.87 -32.45 -10.78
N ILE A 60 3.78 -31.73 -10.97
CA ILE A 60 2.50 -32.32 -11.34
C ILE A 60 2.60 -33.09 -12.66
N VAL A 61 3.15 -32.45 -13.69
CA VAL A 61 3.17 -33.03 -15.06
C VAL A 61 3.99 -34.34 -15.08
N GLU A 62 5.14 -34.34 -14.41
CA GLU A 62 5.94 -35.56 -14.35
C GLU A 62 5.21 -36.68 -13.62
N LEU A 63 4.56 -36.34 -12.51
CA LEU A 63 3.81 -37.33 -11.73
C LEU A 63 2.65 -37.90 -12.53
N ILE A 64 2.03 -37.06 -13.35
CA ILE A 64 0.98 -37.56 -14.24
C ILE A 64 1.57 -38.55 -15.27
N GLN A 65 2.67 -38.13 -15.90
CA GLN A 65 3.32 -38.93 -16.96
C GLN A 65 3.84 -40.28 -16.42
N ASN A 66 4.40 -40.26 -15.20
CA ASN A 66 4.89 -41.50 -14.58
C ASN A 66 3.85 -42.21 -13.68
N GLU A 67 2.62 -41.72 -13.75
CA GLU A 67 1.45 -42.32 -13.08
C GLU A 67 1.58 -42.44 -11.57
N GLY A 68 2.09 -41.38 -10.95
CA GLY A 68 2.19 -41.31 -9.50
C GLY A 68 3.48 -41.84 -8.90
N ASP A 69 4.50 -42.05 -9.75
CA ASP A 69 5.79 -42.64 -9.29
C ASP A 69 6.65 -41.62 -8.57
N VAL A 70 6.39 -41.47 -7.29
CA VAL A 70 7.01 -40.45 -6.47
C VAL A 70 8.51 -40.69 -6.29
N GLU A 71 8.88 -41.96 -6.18
CA GLU A 71 10.30 -42.36 -6.10
C GLU A 71 11.09 -41.87 -7.32
N LYS A 72 10.58 -42.15 -8.51
CA LYS A 72 11.19 -41.70 -9.75
C LYS A 72 11.36 -40.17 -9.84
N SER A 73 10.37 -39.39 -9.35
CA SER A 73 10.49 -37.91 -9.36
C SER A 73 11.53 -37.37 -8.35
N LYS A 74 11.98 -38.24 -7.43
CA LYS A 74 13.04 -37.90 -6.46
C LYS A 74 14.42 -38.31 -6.94
N ARG A 75 14.52 -38.76 -8.19
CA ARG A 75 15.80 -39.20 -8.76
C ARG A 75 16.85 -38.07 -8.86
N ALA A 76 16.38 -36.83 -9.06
CA ALA A 76 17.22 -35.64 -9.17
C ALA A 76 16.37 -34.36 -8.94
N PRO A 77 17.02 -33.21 -8.62
CA PRO A 77 16.23 -31.98 -8.41
C PRO A 77 15.56 -31.45 -9.67
N THR A 78 14.53 -30.63 -9.49
CA THR A 78 13.77 -30.02 -10.58
C THR A 78 14.65 -29.55 -11.79
N HIS A 79 15.64 -28.70 -11.50
CA HIS A 79 16.50 -28.11 -12.57
C HIS A 79 17.30 -29.17 -13.37
N GLN A 80 17.50 -30.34 -12.78
CA GLN A 80 18.22 -31.40 -13.47
C GLN A 80 17.29 -32.33 -14.24
N ARG A 81 16.08 -32.49 -13.73
CA ARG A 81 15.08 -33.30 -14.38
C ARG A 81 14.51 -32.62 -15.59
N PHE A 82 14.42 -31.29 -15.54
CA PHE A 82 13.67 -30.55 -16.57
C PHE A 82 14.55 -29.48 -17.20
N PRO A 83 14.96 -29.69 -18.45
CA PRO A 83 15.75 -28.67 -19.17
C PRO A 83 15.05 -27.34 -19.32
N PHE A 84 15.70 -26.31 -18.76
CA PHE A 84 15.30 -24.90 -18.84
C PHE A 84 15.98 -24.31 -20.12
N LEU A 85 15.26 -24.38 -21.24
CA LEU A 85 15.80 -24.16 -22.58
C LEU A 85 16.76 -22.97 -22.75
N GLU A 86 16.35 -21.78 -22.29
CA GLU A 86 17.15 -20.55 -22.53
C GLU A 86 18.20 -20.27 -21.46
N MET A 87 18.21 -21.07 -20.41
CA MET A 87 19.09 -20.86 -19.25
C MET A 87 20.53 -21.28 -19.54
N LYS A 88 21.48 -20.37 -19.30
CA LYS A 88 22.91 -20.72 -19.33
C LYS A 88 23.65 -19.93 -18.27
N ILE A 89 23.90 -20.58 -17.13
CA ILE A 89 24.49 -19.94 -15.95
C ILE A 89 25.68 -20.76 -15.44
N PRO A 90 26.82 -20.11 -15.17
CA PRO A 90 27.98 -20.80 -14.58
C PRO A 90 27.60 -21.66 -13.36
N SER A 91 28.10 -22.89 -13.35
CA SER A 91 27.82 -23.93 -12.32
C SER A 91 26.48 -24.67 -12.51
N LEU A 92 25.66 -24.18 -13.44
CA LEU A 92 24.39 -24.84 -13.78
C LEU A 92 24.39 -25.39 -15.22
N GLY A 93 25.37 -24.99 -16.02
CA GLY A 93 25.45 -25.44 -17.42
C GLY A 93 24.43 -24.75 -18.32
N SER A 94 24.10 -25.41 -19.42
CA SER A 94 23.14 -24.90 -20.41
C SER A 94 21.88 -25.80 -20.44
N GLY A 95 20.68 -25.22 -20.22
CA GLY A 95 19.43 -25.99 -20.35
C GLY A 95 19.22 -26.55 -21.75
N LEU A 96 19.64 -25.78 -22.76
CA LEU A 96 19.64 -26.24 -24.15
C LEU A 96 20.41 -27.56 -24.31
N GLU A 97 21.61 -27.62 -23.73
CA GLU A 97 22.42 -28.84 -23.85
C GLU A 97 21.94 -29.97 -22.96
N GLN A 98 21.33 -29.62 -21.83
CA GLN A 98 20.60 -30.62 -21.02
C GLN A 98 19.56 -31.34 -21.82
N ALA A 99 18.79 -30.58 -22.60
CA ALA A 99 17.76 -31.16 -23.45
C ALA A 99 18.36 -31.95 -24.62
N HIS A 100 19.45 -31.41 -25.21
CA HIS A 100 20.15 -32.02 -26.35
C HIS A 100 20.42 -33.48 -26.09
N ALA A 101 21.03 -33.75 -24.94
CA ALA A 101 21.44 -35.08 -24.52
C ALA A 101 20.28 -36.02 -24.10
N MET A 102 19.10 -35.44 -23.88
CA MET A 102 18.01 -36.14 -23.17
C MET A 102 17.09 -36.95 -24.05
N PRO A 103 16.98 -38.26 -23.79
CA PRO A 103 16.06 -39.04 -24.59
C PRO A 103 14.61 -38.78 -24.18
N SER A 104 13.69 -39.05 -25.11
CA SER A 104 12.26 -39.01 -24.85
CA SER A 104 12.27 -39.00 -24.84
C SER A 104 11.92 -39.97 -23.70
N PRO A 105 10.87 -39.64 -22.91
CA PRO A 105 10.03 -38.44 -22.99
C PRO A 105 10.64 -37.25 -22.21
N ARG A 106 10.74 -36.10 -22.88
CA ARG A 106 11.30 -34.90 -22.27
C ARG A 106 10.19 -33.97 -21.77
N ILE A 107 10.45 -33.40 -20.59
CA ILE A 107 9.58 -32.38 -20.05
C ILE A 107 10.39 -31.07 -19.90
N LEU A 108 10.08 -30.14 -20.78
CA LEU A 108 10.92 -28.96 -21.00
C LEU A 108 10.31 -27.74 -20.31
N LYS A 109 11.16 -26.74 -20.02
CA LYS A 109 10.75 -25.47 -19.38
C LYS A 109 11.22 -24.25 -20.19
N THR A 110 10.35 -23.25 -20.31
CA THR A 110 10.79 -21.94 -20.79
C THR A 110 10.02 -20.80 -20.11
N HIS A 111 10.64 -19.62 -20.04
CA HIS A 111 9.91 -18.37 -19.72
C HIS A 111 9.80 -17.44 -20.93
N LEU A 112 10.18 -17.91 -22.11
CA LEU A 112 10.20 -17.00 -23.29
C LEU A 112 8.81 -16.47 -23.67
N PRO A 113 8.70 -15.16 -23.95
CA PRO A 113 7.43 -14.68 -24.52
C PRO A 113 7.17 -15.39 -25.84
N PHE A 114 5.92 -15.44 -26.24
CA PHE A 114 5.51 -16.32 -27.31
C PHE A 114 6.22 -16.04 -28.64
N HIS A 115 6.45 -14.76 -28.95
CA HIS A 115 7.10 -14.38 -30.22
C HIS A 115 8.57 -14.88 -30.29
N LEU A 116 9.16 -15.19 -29.13
CA LEU A 116 10.56 -15.65 -29.10
C LEU A 116 10.70 -17.16 -28.97
N LEU A 117 9.57 -17.86 -29.01
CA LEU A 117 9.56 -19.29 -28.84
C LEU A 117 10.23 -19.96 -30.04
N PRO A 118 11.23 -20.85 -29.78
CA PRO A 118 11.87 -21.59 -30.88
C PRO A 118 10.80 -22.27 -31.73
N PRO A 119 10.75 -21.93 -33.03
CA PRO A 119 9.66 -22.42 -33.91
C PRO A 119 9.49 -23.94 -33.99
N SER A 120 10.56 -24.71 -33.77
CA SER A 120 10.46 -26.17 -33.80
C SER A 120 9.36 -26.71 -32.85
N LEU A 121 9.19 -26.05 -31.70
CA LEU A 121 8.16 -26.47 -30.71
C LEU A 121 6.73 -26.36 -31.27
N LEU A 122 6.54 -25.42 -32.19
CA LEU A 122 5.26 -25.22 -32.88
C LEU A 122 5.17 -26.10 -34.13
N GLU A 123 6.28 -26.22 -34.86
CA GLU A 123 6.35 -27.06 -36.06
C GLU A 123 6.00 -28.51 -35.73
N LYS A 124 6.56 -28.99 -34.62
CA LYS A 124 6.33 -30.34 -34.16
C LYS A 124 5.01 -30.51 -33.40
N ASN A 125 4.25 -29.42 -33.28
CA ASN A 125 2.93 -29.43 -32.59
C ASN A 125 2.97 -30.03 -31.16
N CYS A 126 4.04 -29.72 -30.40
CA CYS A 126 4.24 -30.25 -29.02
C CYS A 126 3.12 -29.75 -28.11
N LYS A 127 2.74 -30.56 -27.13
CA LYS A 127 1.76 -30.14 -26.14
C LYS A 127 2.44 -29.10 -25.26
N ILE A 128 1.82 -27.93 -25.13
CA ILE A 128 2.38 -26.88 -24.26
C ILE A 128 1.42 -26.58 -23.14
N ILE A 129 1.96 -26.49 -21.94
CA ILE A 129 1.18 -26.08 -20.76
C ILE A 129 1.69 -24.68 -20.38
N TYR A 130 0.83 -23.69 -20.52
CA TYR A 130 1.16 -22.33 -20.10
C TYR A 130 0.43 -22.06 -18.79
N VAL A 131 1.16 -21.51 -17.81
CA VAL A 131 0.52 -21.12 -16.55
C VAL A 131 0.70 -19.60 -16.32
N ALA A 132 -0.43 -18.93 -16.06
CA ALA A 132 -0.46 -17.50 -15.73
C ALA A 132 -0.82 -17.38 -14.25
N ARG A 133 -0.38 -16.27 -13.69
CA ARG A 133 -0.61 -16.02 -12.27
C ARG A 133 -1.02 -14.57 -12.15
N ASN A 134 -1.89 -14.29 -11.17
CA ASN A 134 -2.24 -12.93 -10.84
C ASN A 134 -0.98 -12.02 -10.84
N PRO A 135 -1.02 -10.88 -11.56
CA PRO A 135 0.24 -10.13 -11.81
C PRO A 135 0.83 -9.48 -10.56
N LYS A 136 -0.03 -9.22 -9.57
CA LYS A 136 0.38 -8.56 -8.31
C LYS A 136 1.10 -9.56 -7.43
N ASP A 137 0.55 -10.77 -7.30
CA ASP A 137 1.28 -11.86 -6.63
C ASP A 137 2.54 -12.22 -7.41
N ASN A 138 2.47 -12.13 -8.75
CA ASN A 138 3.61 -12.47 -9.61
C ASN A 138 4.75 -11.45 -9.36
N MET A 139 4.39 -10.17 -9.26
CA MET A 139 5.38 -9.12 -8.96
C MET A 139 6.08 -9.36 -7.63
N VAL A 140 5.29 -9.69 -6.61
CA VAL A 140 5.81 -9.95 -5.28
C VAL A 140 6.75 -11.16 -5.28
N SER A 141 6.32 -12.25 -5.91
CA SER A 141 7.18 -13.44 -6.00
C SER A 141 8.50 -13.15 -6.70
N TYR A 142 8.44 -12.40 -7.80
CA TYR A 142 9.62 -12.07 -8.61
C TYR A 142 10.55 -11.13 -7.83
N TYR A 143 9.97 -10.17 -7.09
CA TYR A 143 10.71 -9.26 -6.22
C TYR A 143 11.61 -10.02 -5.25
N HIS A 144 11.01 -10.93 -4.47
CA HIS A 144 11.76 -11.72 -3.48
C HIS A 144 12.76 -12.69 -4.14
N PHE A 145 12.40 -13.23 -5.30
CA PHE A 145 13.30 -14.06 -6.08
C PHE A 145 14.57 -13.29 -6.47
N GLN A 146 14.44 -12.04 -6.90
CA GLN A 146 15.60 -11.20 -7.25
C GLN A 146 16.44 -10.82 -6.02
N ARG A 147 15.79 -10.70 -4.87
CA ARG A 147 16.50 -10.49 -3.61
C ARG A 147 17.43 -11.67 -3.27
N MET A 148 16.95 -12.89 -3.50
CA MET A 148 17.70 -14.10 -3.12
C MET A 148 18.56 -14.72 -4.23
N ASN A 149 18.25 -14.39 -5.51
CA ASN A 149 18.92 -15.02 -6.65
C ASN A 149 19.90 -14.08 -7.35
N LYS A 150 21.18 -14.39 -7.22
CA LYS A 150 22.27 -13.52 -7.68
C LYS A 150 22.53 -13.58 -9.20
N ALA A 151 21.88 -14.52 -9.90
CA ALA A 151 21.91 -14.54 -11.37
C ALA A 151 21.04 -13.42 -11.97
N LEU A 152 20.18 -12.85 -11.13
CA LEU A 152 19.25 -11.80 -11.58
C LEU A 152 19.66 -10.43 -11.02
N PRO A 153 19.22 -9.33 -11.69
CA PRO A 153 19.58 -8.00 -11.19
C PRO A 153 19.06 -7.76 -9.77
N ALA A 154 19.77 -6.92 -9.02
CA ALA A 154 19.26 -6.45 -7.74
C ALA A 154 17.94 -5.76 -8.03
N PRO A 155 16.92 -6.03 -7.20
CA PRO A 155 15.58 -5.48 -7.45
C PRO A 155 15.44 -4.00 -7.06
N GLY A 156 16.37 -3.50 -6.25
CA GLY A 156 16.22 -2.19 -5.60
C GLY A 156 15.28 -2.28 -4.42
N THR A 157 14.73 -1.15 -4.00
CA THR A 157 13.71 -1.11 -2.94
C THR A 157 12.42 -1.64 -3.54
N TRP A 158 11.45 -2.02 -2.69
CA TRP A 158 10.12 -2.44 -3.21
C TRP A 158 9.52 -1.35 -4.11
N GLU A 159 9.66 -0.09 -3.69
CA GLU A 159 9.12 1.05 -4.43
C GLU A 159 9.73 1.16 -5.82
N GLU A 160 11.04 0.94 -5.92
CA GLU A 160 11.72 0.95 -7.22
C GLU A 160 11.32 -0.24 -8.07
N TYR A 161 11.37 -1.44 -7.46
CA TYR A 161 10.98 -2.68 -8.16
C TYR A 161 9.56 -2.66 -8.74
N PHE A 162 8.60 -2.09 -7.99
CA PHE A 162 7.23 -1.95 -8.48
C PHE A 162 7.25 -1.25 -9.85
N GLU A 163 8.04 -0.16 -9.93
CA GLU A 163 8.12 0.59 -11.17
C GLU A 163 8.86 -0.19 -12.27
N THR A 164 9.91 -0.90 -11.86
CA THR A 164 10.72 -1.71 -12.78
C THR A 164 9.84 -2.81 -13.43
N PHE A 165 9.06 -3.49 -12.61
CA PHE A 165 8.17 -4.54 -13.08
C PHE A 165 7.08 -3.96 -13.99
N LEU A 166 6.48 -2.86 -13.54
CA LEU A 166 5.40 -2.23 -14.28
C LEU A 166 5.84 -1.88 -15.69
N ALA A 167 7.08 -1.42 -15.83
CA ALA A 167 7.63 -0.99 -17.12
C ALA A 167 8.20 -2.14 -17.99
N GLY A 168 8.24 -3.35 -17.42
CA GLY A 168 8.74 -4.52 -18.15
C GLY A 168 10.25 -4.63 -18.18
N LYS A 169 10.92 -3.84 -17.32
CA LYS A 169 12.41 -3.79 -17.29
C LYS A 169 13.00 -4.86 -16.37
N VAL A 170 12.38 -6.03 -16.40
CA VAL A 170 12.86 -7.19 -15.68
C VAL A 170 13.18 -8.27 -16.72
N CYS A 171 14.00 -9.26 -16.34
CA CYS A 171 14.29 -10.38 -17.25
C CYS A 171 12.99 -11.04 -17.72
N TRP A 172 12.97 -11.37 -19.01
CA TRP A 172 11.83 -11.93 -19.76
C TRP A 172 10.75 -10.89 -20.15
N GLY A 173 10.99 -9.64 -19.74
CA GLY A 173 10.19 -8.51 -20.23
C GLY A 173 8.87 -8.30 -19.54
N SER A 174 7.96 -7.62 -20.24
CA SER A 174 6.66 -7.21 -19.72
C SER A 174 5.80 -8.41 -19.40
N TRP A 175 5.37 -8.52 -18.13
CA TRP A 175 4.34 -9.50 -17.70
C TRP A 175 3.11 -9.44 -18.60
N HIS A 176 2.63 -8.22 -18.86
CA HIS A 176 1.43 -7.97 -19.66
C HIS A 176 1.55 -8.56 -21.06
N GLU A 177 2.66 -8.28 -21.74
CA GLU A 177 2.91 -8.75 -23.10
C GLU A 177 3.01 -10.27 -23.11
N HIS A 178 3.63 -10.80 -22.06
CA HIS A 178 3.90 -12.21 -21.92
C HIS A 178 2.60 -13.01 -21.84
N VAL A 179 1.78 -12.70 -20.82
CA VAL A 179 0.50 -13.40 -20.66
C VAL A 179 -0.45 -13.21 -21.88
N LYS A 180 -0.49 -12.00 -22.42
CA LYS A 180 -1.29 -11.64 -23.61
C LYS A 180 -0.87 -12.43 -24.88
N GLY A 181 0.42 -12.47 -25.19
CA GLY A 181 0.90 -13.16 -26.37
C GLY A 181 0.60 -14.65 -26.31
N TRP A 182 0.80 -15.24 -25.13
CA TRP A 182 0.48 -16.63 -24.93
C TRP A 182 -1.02 -16.95 -24.99
N TRP A 183 -1.84 -16.04 -24.49
CA TRP A 183 -3.28 -16.19 -24.51
C TRP A 183 -3.81 -16.11 -25.96
N GLU A 184 -3.28 -15.17 -26.73
CA GLU A 184 -3.65 -15.06 -28.13
C GLU A 184 -3.23 -16.30 -28.92
N ALA A 185 -2.11 -16.91 -28.51
CA ALA A 185 -1.53 -18.08 -29.18
C ALA A 185 -2.31 -19.36 -28.95
N LYS A 186 -3.00 -19.46 -27.81
CA LYS A 186 -3.64 -20.72 -27.39
C LYS A 186 -4.75 -21.17 -28.39
N ASP A 187 -5.26 -20.20 -29.13
CA ASP A 187 -6.36 -20.38 -30.09
C ASP A 187 -5.96 -21.18 -31.33
N LYS A 188 -4.69 -21.12 -31.68
CA LYS A 188 -4.23 -21.73 -32.90
C LYS A 188 -3.00 -22.59 -32.72
N HIS A 189 -2.74 -22.98 -31.47
CA HIS A 189 -1.65 -23.89 -31.16
C HIS A 189 -2.08 -24.84 -30.04
N ARG A 190 -1.26 -25.84 -29.81
CA ARG A 190 -1.62 -26.91 -28.88
C ARG A 190 -1.24 -26.53 -27.43
N ILE A 191 -1.96 -25.52 -26.91
CA ILE A 191 -1.64 -24.93 -25.61
C ILE A 191 -2.78 -25.15 -24.63
N LEU A 192 -2.45 -25.66 -23.44
CA LEU A 192 -3.39 -25.66 -22.33
C LEU A 192 -3.04 -24.49 -21.43
N TYR A 193 -3.98 -23.56 -21.30
CA TYR A 193 -3.69 -22.33 -20.57
C TYR A 193 -4.34 -22.42 -19.20
N LEU A 194 -3.51 -22.48 -18.15
CA LEU A 194 -3.97 -22.63 -16.75
C LEU A 194 -3.67 -21.39 -15.93
N PHE A 195 -4.29 -21.33 -14.75
CA PHE A 195 -4.08 -20.25 -13.79
C PHE A 195 -3.66 -20.81 -12.45
N TYR A 196 -2.59 -20.22 -11.91
CA TYR A 196 -2.00 -20.55 -10.60
C TYR A 196 -3.13 -20.58 -9.55
N GLU A 197 -3.98 -19.55 -9.58
CA GLU A 197 -5.11 -19.43 -8.63
C GLU A 197 -6.15 -20.58 -8.69
N ASP A 198 -6.41 -21.08 -9.89
CA ASP A 198 -7.32 -22.20 -10.13
C ASP A 198 -6.67 -23.47 -9.54
N MET A 199 -5.37 -23.60 -9.79
CA MET A 199 -4.60 -24.75 -9.23
C MET A 199 -4.62 -24.74 -7.71
N LYS A 200 -4.56 -23.55 -7.12
CA LYS A 200 -4.53 -23.46 -5.65
C LYS A 200 -5.93 -23.76 -5.09
N LYS A 201 -6.95 -23.23 -5.76
CA LYS A 201 -8.34 -23.35 -5.29
C LYS A 201 -8.88 -24.76 -5.39
N ASN A 202 -8.56 -25.45 -6.48
CA ASN A 202 -9.05 -26.81 -6.72
C ASN A 202 -7.95 -27.60 -7.49
N PRO A 203 -6.88 -27.99 -6.77
CA PRO A 203 -5.79 -28.67 -7.45
C PRO A 203 -6.25 -29.96 -8.17
N LYS A 204 -7.18 -30.73 -7.57
CA LYS A 204 -7.60 -32.01 -8.21
C LYS A 204 -8.23 -31.78 -9.58
N HIS A 205 -9.13 -30.80 -9.66
CA HIS A 205 -9.76 -30.41 -10.92
C HIS A 205 -8.70 -30.05 -11.99
N GLU A 206 -7.73 -29.21 -11.63
CA GLU A 206 -6.69 -28.77 -12.61
C GLU A 206 -5.76 -29.93 -12.98
N ILE A 207 -5.47 -30.80 -12.01
CA ILE A 207 -4.63 -31.98 -12.26
C ILE A 207 -5.35 -32.93 -13.21
N GLN A 208 -6.66 -33.11 -13.00
CA GLN A 208 -7.47 -33.87 -13.96
C GLN A 208 -7.45 -33.28 -15.38
N LYS A 209 -7.53 -31.95 -15.48
CA LYS A 209 -7.49 -31.28 -16.77
C LYS A 209 -6.17 -31.47 -17.44
N LEU A 210 -5.09 -31.38 -16.67
CA LEU A 210 -3.74 -31.69 -17.15
C LEU A 210 -3.59 -33.12 -17.71
N ALA A 211 -4.10 -34.09 -16.97
CA ALA A 211 -4.00 -35.50 -17.31
C ALA A 211 -4.74 -35.77 -18.61
N GLU A 212 -5.94 -35.21 -18.74
CA GLU A 212 -6.72 -35.30 -19.99
C GLU A 212 -5.96 -34.72 -21.21
N PHE A 213 -5.34 -33.56 -21.02
CA PHE A 213 -4.53 -32.90 -22.07
C PHE A 213 -3.30 -33.72 -22.41
N ILE A 214 -2.69 -34.32 -21.38
CA ILE A 214 -1.49 -35.17 -21.54
C ILE A 214 -1.87 -36.53 -22.17
N GLY A 215 -3.11 -36.95 -21.94
CA GLY A 215 -3.62 -38.20 -22.50
C GLY A 215 -3.43 -39.38 -21.55
N LYS A 216 -3.50 -39.11 -20.24
CA LYS A 216 -3.36 -40.16 -19.24
C LYS A 216 -4.66 -40.36 -18.47
N LYS A 217 -5.12 -41.60 -18.41
CA LYS A 217 -6.28 -41.95 -17.59
C LYS A 217 -5.80 -42.45 -16.23
N LEU A 218 -6.15 -41.71 -15.19
CA LEU A 218 -5.73 -42.06 -13.84
C LEU A 218 -6.95 -42.29 -12.97
N ASP A 219 -6.83 -43.22 -12.03
CA ASP A 219 -7.94 -43.44 -11.11
C ASP A 219 -7.85 -42.46 -9.95
N ASP A 220 -8.90 -42.38 -9.13
CA ASP A 220 -8.96 -41.42 -8.03
C ASP A 220 -7.81 -41.49 -7.07
N LYS A 221 -7.39 -42.73 -6.75
CA LYS A 221 -6.32 -42.98 -5.80
C LYS A 221 -5.03 -42.25 -6.21
N VAL A 222 -4.61 -42.42 -7.47
CA VAL A 222 -3.40 -41.76 -7.99
C VAL A 222 -3.55 -40.24 -8.07
N LEU A 223 -4.67 -39.78 -8.60
CA LEU A 223 -5.03 -38.35 -8.58
C LEU A 223 -4.88 -37.80 -7.17
N ASP A 224 -5.46 -38.47 -6.18
CA ASP A 224 -5.37 -37.98 -4.79
C ASP A 224 -3.91 -37.91 -4.33
N LYS A 225 -3.15 -38.94 -4.67
CA LYS A 225 -1.72 -39.00 -4.37
C LYS A 225 -0.93 -37.81 -4.98
N ILE A 226 -1.16 -37.51 -6.26
CA ILE A 226 -0.53 -36.34 -6.92
C ILE A 226 -0.90 -35.01 -6.23
N VAL A 227 -2.17 -34.85 -5.90
CA VAL A 227 -2.66 -33.65 -5.16
C VAL A 227 -1.83 -33.51 -3.86
N HIS A 228 -1.70 -34.62 -3.10
CA HIS A 228 -0.90 -34.60 -1.88
C HIS A 228 0.56 -34.22 -2.12
N TYR A 229 1.24 -34.95 -3.00
CA TYR A 229 2.66 -34.74 -3.20
C TYR A 229 3.02 -33.39 -3.81
N THR A 230 2.06 -32.78 -4.53
CA THR A 230 2.33 -31.49 -5.14
C THR A 230 1.77 -30.27 -4.37
N SER A 231 1.27 -30.49 -3.13
CA SER A 231 0.82 -29.39 -2.28
C SER A 231 2.04 -28.62 -1.82
N PHE A 232 1.88 -27.30 -1.61
CA PHE A 232 3.01 -26.45 -1.18
C PHE A 232 3.73 -27.01 0.06
N ASP A 233 2.98 -27.41 1.08
CA ASP A 233 3.61 -27.90 2.33
C ASP A 233 4.44 -29.18 2.11
N VAL A 234 4.01 -30.03 1.20
CA VAL A 234 4.79 -31.24 0.87
C VAL A 234 6.02 -30.92 -0.01
N MET A 235 5.80 -30.18 -1.10
CA MET A 235 6.91 -29.77 -1.96
C MET A 235 7.99 -28.94 -1.27
N LYS A 236 7.59 -28.05 -0.33
CA LYS A 236 8.55 -27.24 0.41
C LYS A 236 9.56 -28.09 1.18
N GLN A 237 9.12 -29.27 1.63
CA GLN A 237 9.99 -30.22 2.36
C GLN A 237 10.74 -31.22 1.47
N ASN A 238 10.47 -31.19 0.17
CA ASN A 238 11.05 -32.18 -0.76
C ASN A 238 12.36 -31.61 -1.30
N PRO A 239 13.51 -32.18 -0.87
CA PRO A 239 14.79 -31.59 -1.28
C PRO A 239 15.06 -31.70 -2.80
N MET A 240 14.29 -32.54 -3.49
CA MET A 240 14.36 -32.63 -4.96
C MET A 240 13.41 -31.66 -5.72
N ALA A 241 12.63 -30.88 -4.98
CA ALA A 241 11.61 -30.02 -5.61
C ALA A 241 11.56 -28.58 -5.05
N ASN A 242 12.45 -28.27 -4.11
CA ASN A 242 12.41 -26.99 -3.42
C ASN A 242 13.58 -26.06 -3.71
N TYR A 243 14.39 -26.41 -4.72
CA TYR A 243 15.58 -25.63 -5.14
C TYR A 243 16.68 -25.49 -4.07
N SER A 244 16.60 -26.32 -3.03
CA SER A 244 17.61 -26.37 -1.96
C SER A 244 18.98 -26.80 -2.49
N SER A 245 18.99 -27.55 -3.60
CA SER A 245 20.21 -28.11 -4.19
C SER A 245 20.99 -27.15 -5.09
N ILE A 246 20.45 -25.96 -5.33
CA ILE A 246 21.14 -24.93 -6.14
C ILE A 246 22.35 -24.43 -5.33
N PRO A 247 23.53 -24.23 -5.98
CA PRO A 247 24.68 -23.68 -5.28
C PRO A 247 24.30 -22.44 -4.46
N ALA A 248 24.83 -22.34 -3.25
CA ALA A 248 24.55 -21.22 -2.35
C ALA A 248 25.03 -19.89 -2.92
N GLU A 249 26.03 -19.95 -3.79
CA GLU A 249 26.58 -18.77 -4.47
C GLU A 249 25.59 -18.15 -5.46
N ILE A 250 24.55 -18.89 -5.81
CA ILE A 250 23.52 -18.41 -6.72
C ILE A 250 22.22 -18.07 -5.95
N MET A 251 21.69 -19.03 -5.20
CA MET A 251 20.45 -18.81 -4.44
C MET A 251 20.66 -18.93 -2.93
N ASP A 252 20.44 -17.82 -2.23
CA ASP A 252 20.57 -17.76 -0.78
C ASP A 252 19.18 -17.83 -0.17
N HIS A 253 18.79 -19.01 0.29
CA HIS A 253 17.44 -19.24 0.81
C HIS A 253 17.21 -18.56 2.16
N SER A 254 18.29 -18.09 2.80
CA SER A 254 18.16 -17.37 4.09
C SER A 254 17.67 -15.94 3.85
N ILE A 255 17.87 -15.43 2.63
CA ILE A 255 17.34 -14.12 2.23
CA ILE A 255 17.34 -14.11 2.23
C ILE A 255 15.84 -14.26 1.95
N SER A 256 15.50 -15.22 1.11
CA SER A 256 14.11 -15.56 0.82
C SER A 256 14.17 -16.97 0.27
N PRO A 257 13.35 -17.88 0.82
CA PRO A 257 13.40 -19.27 0.33
C PRO A 257 12.74 -19.35 -1.04
N PHE A 258 13.17 -20.27 -1.88
CA PHE A 258 12.47 -20.46 -3.17
C PHE A 258 10.99 -20.83 -2.96
N MET A 259 10.75 -21.78 -2.05
CA MET A 259 9.40 -22.15 -1.62
C MET A 259 8.96 -21.16 -0.55
N ARG A 260 8.56 -19.97 -0.99
CA ARG A 260 8.44 -18.82 -0.11
C ARG A 260 7.14 -18.84 0.73
N LYS A 261 5.99 -18.68 0.08
CA LYS A 261 4.66 -18.76 0.76
C LYS A 261 3.68 -19.70 0.05
N GLY A 262 3.69 -19.67 -1.28
CA GLY A 262 2.80 -20.54 -2.09
C GLY A 262 1.32 -20.21 -1.92
N ALA A 263 1.04 -18.95 -1.63
CA ALA A 263 -0.28 -18.50 -1.30
C ALA A 263 -0.83 -17.58 -2.41
N VAL A 264 -2.13 -17.39 -2.39
CA VAL A 264 -2.75 -16.40 -3.26
CA VAL A 264 -2.82 -16.43 -3.26
C VAL A 264 -3.13 -15.17 -2.41
N GLY A 265 -2.86 -13.99 -2.94
CA GLY A 265 -3.19 -12.75 -2.21
C GLY A 265 -2.09 -12.15 -1.35
N ASP A 266 -0.90 -12.75 -1.35
CA ASP A 266 0.25 -12.15 -0.63
C ASP A 266 0.59 -10.70 -1.09
N TRP A 267 0.18 -10.35 -2.30
CA TRP A 267 0.42 -9.02 -2.81
C TRP A 267 -0.20 -7.90 -1.94
N LYS A 268 -1.31 -8.20 -1.28
CA LYS A 268 -2.00 -7.19 -0.44
C LYS A 268 -1.13 -6.67 0.72
N LYS A 269 -0.20 -7.50 1.18
CA LYS A 269 0.75 -7.15 2.24
C LYS A 269 1.92 -6.29 1.73
N HIS A 270 2.04 -6.16 0.42
CA HIS A 270 3.19 -5.45 -0.22
C HIS A 270 2.76 -4.15 -0.93
N PHE A 271 1.68 -4.22 -1.70
CA PHE A 271 1.15 -3.11 -2.47
C PHE A 271 0.56 -2.09 -1.51
N THR A 272 0.96 -0.82 -1.68
CA THR A 272 0.24 0.31 -1.07
C THR A 272 -1.01 0.50 -1.91
N VAL A 273 -2.00 1.20 -1.37
CA VAL A 273 -3.20 1.54 -2.15
C VAL A 273 -2.86 2.36 -3.41
N ALA A 274 -1.90 3.28 -3.28
CA ALA A 274 -1.43 4.08 -4.38
C ALA A 274 -0.83 3.20 -5.49
N GLN A 275 0.03 2.25 -5.09
CA GLN A 275 0.61 1.28 -6.04
C GLN A 275 -0.49 0.45 -6.71
N ASN A 276 -1.48 0.02 -5.92
CA ASN A 276 -2.60 -0.75 -6.45
C ASN A 276 -3.39 0.02 -7.50
N GLU A 277 -3.71 1.27 -7.19
CA GLU A 277 -4.41 2.13 -8.13
C GLU A 277 -3.60 2.40 -9.39
N ARG A 278 -2.32 2.70 -9.24
CA ARG A 278 -1.44 2.88 -10.38
C ARG A 278 -1.36 1.59 -11.22
N PHE A 279 -1.26 0.44 -10.55
CA PHE A 279 -1.19 -0.83 -11.28
C PHE A 279 -2.45 -1.07 -12.09
N ASP A 280 -3.60 -0.85 -11.48
CA ASP A 280 -4.88 -1.12 -12.15
C ASP A 280 -5.05 -0.20 -13.35
N GLU A 281 -4.66 1.06 -13.19
CA GLU A 281 -4.77 2.05 -14.26
C GLU A 281 -3.90 1.62 -15.45
N ASP A 282 -2.66 1.30 -15.15
CA ASP A 282 -1.67 0.83 -16.12
C ASP A 282 -2.11 -0.44 -16.83
N TYR A 283 -2.76 -1.33 -16.07
CA TYR A 283 -3.26 -2.60 -16.61
C TYR A 283 -4.30 -2.32 -17.69
N LYS A 284 -5.28 -1.47 -17.36
CA LYS A 284 -6.39 -1.17 -18.25
C LYS A 284 -5.91 -0.64 -19.59
N LYS A 285 -4.81 0.13 -19.56
CA LYS A 285 -4.23 0.67 -20.79
C LYS A 285 -3.60 -0.42 -21.66
N LYS A 286 -2.88 -1.35 -21.03
CA LYS A 286 -2.14 -2.40 -21.77
C LYS A 286 -3.01 -3.58 -22.19
N MET A 287 -4.10 -3.79 -21.46
CA MET A 287 -4.88 -5.01 -21.62
C MET A 287 -6.29 -4.74 -22.11
N THR A 290 -9.66 -7.80 -23.45
CA THR A 290 -9.34 -9.23 -23.52
C THR A 290 -10.17 -10.06 -22.50
N ARG A 291 -10.52 -11.28 -22.90
CA ARG A 291 -11.21 -12.25 -22.03
C ARG A 291 -10.27 -12.80 -20.96
N LEU A 292 -8.98 -12.68 -21.21
CA LEU A 292 -7.96 -13.10 -20.24
C LEU A 292 -8.19 -12.44 -18.88
N THR A 293 -8.60 -11.15 -18.90
CA THR A 293 -8.87 -10.36 -17.68
C THR A 293 -9.86 -11.00 -16.70
N PHE A 294 -10.90 -11.66 -17.24
CA PHE A 294 -11.91 -12.33 -16.39
C PHE A 294 -11.34 -13.43 -15.50
N HIS A 295 -10.13 -13.90 -15.82
CA HIS A 295 -9.50 -14.98 -15.05
C HIS A 295 -8.65 -14.49 -13.86
N PHE A 296 -8.48 -13.18 -13.75
CA PHE A 296 -7.81 -12.57 -12.59
C PHE A 296 -8.80 -11.80 -11.70
N GLN A 297 -8.53 -11.83 -10.39
CA GLN A 297 -9.20 -10.99 -9.39
C GLN A 297 -8.25 -9.84 -9.01
N PHE A 298 -8.67 -8.61 -9.30
CA PHE A 298 -7.81 -7.44 -9.06
C PHE A 298 -7.99 -6.85 -7.68
N LYS B 11 14.92 13.89 23.38
CA LYS B 11 14.17 13.96 24.66
C LYS B 11 12.68 14.13 24.36
N ARG B 12 11.86 13.20 24.85
CA ARG B 12 10.39 13.32 24.70
C ARG B 12 9.69 13.58 26.03
N LEU B 13 8.66 14.42 25.98
CA LEU B 13 7.90 14.80 27.15
C LEU B 13 6.89 13.69 27.52
N SER B 14 6.78 13.40 28.82
CA SER B 14 5.86 12.35 29.33
C SER B 14 4.40 12.71 29.07
N VAL B 15 3.61 11.70 28.70
CA VAL B 15 2.17 11.89 28.49
C VAL B 15 1.39 11.19 29.59
N ASN B 16 0.23 11.76 29.90
CA ASN B 16 -0.58 11.24 30.99
C ASN B 16 -2.08 11.22 30.63
N TYR B 17 -2.79 10.27 31.22
CA TYR B 17 -4.27 10.25 31.15
C TYR B 17 -4.91 11.40 31.93
N VAL B 18 -5.77 12.16 31.23
CA VAL B 18 -6.58 13.19 31.87
C VAL B 18 -8.02 12.98 31.41
N LYS B 19 -8.90 12.65 32.36
CA LYS B 19 -10.34 12.44 32.04
C LYS B 19 -10.57 11.42 30.92
N GLY B 20 -9.79 10.34 30.97
CA GLY B 20 -9.94 9.20 30.03
C GLY B 20 -9.19 9.32 28.70
N ILE B 21 -8.50 10.44 28.46
CA ILE B 21 -7.73 10.64 27.19
C ILE B 21 -6.24 10.97 27.46
N LEU B 22 -5.34 10.45 26.62
CA LEU B 22 -3.93 10.85 26.78
C LEU B 22 -3.80 12.30 26.43
N GLN B 23 -2.98 13.01 27.22
CA GLN B 23 -2.62 14.42 27.02
C GLN B 23 -1.10 14.63 27.11
N PRO B 24 -0.55 15.54 26.28
CA PRO B 24 0.87 15.93 26.43
C PRO B 24 1.04 16.95 27.57
N THR B 25 0.89 16.46 28.80
CA THR B 25 0.93 17.31 29.99
C THR B 25 1.40 16.46 31.19
N ASP B 26 1.83 17.14 32.25
CA ASP B 26 2.43 16.50 33.44
C ASP B 26 1.35 15.95 34.42
N THR B 27 1.81 15.35 35.53
CA THR B 27 0.91 14.64 36.48
C THR B 27 0.18 15.58 37.48
N CYS B 28 0.50 16.87 37.44
CA CYS B 28 -0.16 17.84 38.29
C CYS B 28 -1.51 18.24 37.66
N ASP B 29 -2.56 17.57 38.11
CA ASP B 29 -3.88 17.72 37.48
C ASP B 29 -4.46 19.13 37.58
N ILE B 30 -4.59 19.78 36.44
CA ILE B 30 -5.18 21.13 36.34
C ILE B 30 -6.49 21.11 35.52
N TRP B 31 -7.10 19.95 35.41
CA TRP B 31 -8.26 19.82 34.58
C TRP B 31 -9.39 20.79 34.99
N ASP B 32 -9.63 20.92 36.30
CA ASP B 32 -10.77 21.72 36.76
C ASP B 32 -10.73 23.14 36.22
N LYS B 33 -9.54 23.73 36.16
CA LYS B 33 -9.36 25.08 35.60
C LYS B 33 -9.75 25.15 34.12
N ILE B 34 -9.38 24.13 33.36
CA ILE B 34 -9.75 24.06 31.94
C ILE B 34 -11.27 23.91 31.82
N TRP B 35 -11.83 22.97 32.56
CA TRP B 35 -13.29 22.70 32.52
C TRP B 35 -14.09 23.94 32.91
N ASN B 36 -13.58 24.67 33.89
CA ASN B 36 -14.22 25.90 34.36
C ASN B 36 -13.82 27.14 33.55
N PHE B 37 -13.16 26.95 32.39
CA PHE B 37 -12.84 28.09 31.50
C PHE B 37 -14.03 29.02 31.29
N GLN B 38 -13.78 30.31 31.48
CA GLN B 38 -14.81 31.33 31.33
C GLN B 38 -14.85 31.91 29.89
N ALA B 39 -15.86 31.48 29.13
CA ALA B 39 -16.04 31.92 27.77
C ALA B 39 -16.82 33.25 27.69
N LYS B 40 -16.72 33.90 26.54
CA LYS B 40 -17.46 35.13 26.25
C LYS B 40 -18.31 34.87 25.01
N PRO B 41 -19.48 35.54 24.89
CA PRO B 41 -20.45 35.29 23.81
C PRO B 41 -19.89 35.51 22.40
N ASP B 42 -18.86 36.35 22.28
CA ASP B 42 -18.25 36.66 21.00
C ASP B 42 -16.97 35.84 20.77
N ASP B 43 -16.66 34.90 21.68
CA ASP B 43 -15.56 33.95 21.43
C ASP B 43 -15.92 33.10 20.21
N LEU B 44 -14.95 32.86 19.33
CA LEU B 44 -15.11 31.86 18.28
C LEU B 44 -14.18 30.72 18.66
N LEU B 45 -14.62 29.51 18.40
CA LEU B 45 -13.83 28.36 18.75
C LEU B 45 -13.66 27.52 17.50
N ILE B 46 -12.40 27.17 17.24
CA ILE B 46 -12.08 26.15 16.27
C ILE B 46 -11.75 24.86 17.02
N SER B 47 -12.48 23.80 16.68
CA SER B 47 -12.40 22.52 17.33
C SER B 47 -12.07 21.44 16.30
N THR B 48 -11.07 20.61 16.57
CA THR B 48 -10.65 19.61 15.61
C THR B 48 -10.07 18.43 16.36
N TYR B 49 -10.20 17.23 15.81
CA TYR B 49 -9.33 16.13 16.24
C TYR B 49 -7.88 16.58 15.82
N PRO B 50 -6.81 16.16 16.57
CA PRO B 50 -5.45 16.55 16.15
C PRO B 50 -5.20 16.22 14.66
N LYS B 51 -4.72 17.23 13.90
CA LYS B 51 -4.34 17.07 12.45
C LYS B 51 -5.50 17.11 11.43
N ALA B 52 -6.72 17.43 11.88
CA ALA B 52 -7.86 17.50 10.96
C ALA B 52 -7.90 18.77 10.11
N GLY B 53 -7.03 19.73 10.42
CA GLY B 53 -6.99 21.02 9.67
C GLY B 53 -7.14 22.25 10.56
N THR B 54 -6.58 22.18 11.78
CA THR B 54 -6.73 23.28 12.74
C THR B 54 -6.11 24.60 12.24
N THR B 55 -4.86 24.53 11.83
CA THR B 55 -4.08 25.71 11.48
C THR B 55 -4.68 26.42 10.25
N TRP B 56 -5.10 25.62 9.28
CA TRP B 56 -5.77 26.07 8.08
C TRP B 56 -7.05 26.82 8.40
N THR B 57 -7.89 26.22 9.25
CA THR B 57 -9.18 26.78 9.60
C THR B 57 -9.04 28.06 10.42
N GLN B 58 -8.09 28.08 11.34
CA GLN B 58 -7.81 29.27 12.14
C GLN B 58 -7.46 30.44 11.20
N GLU B 59 -6.65 30.16 10.18
CA GLU B 59 -6.19 31.19 9.25
C GLU B 59 -7.37 31.78 8.49
N ILE B 60 -8.21 30.89 7.93
CA ILE B 60 -9.46 31.29 7.27
C ILE B 60 -10.39 32.10 8.18
N VAL B 61 -10.66 31.58 9.40
CA VAL B 61 -11.58 32.21 10.38
C VAL B 61 -11.15 33.64 10.76
N GLU B 62 -9.89 33.80 11.14
CA GLU B 62 -9.37 35.16 11.43
C GLU B 62 -9.46 36.13 10.21
N LEU B 63 -9.12 35.65 9.00
CA LEU B 63 -9.19 36.52 7.81
C LEU B 63 -10.64 36.90 7.50
N ILE B 64 -11.56 35.97 7.74
CA ILE B 64 -12.99 36.30 7.63
C ILE B 64 -13.41 37.36 8.65
N GLN B 65 -13.15 37.08 9.93
CA GLN B 65 -13.39 38.02 11.05
C GLN B 65 -12.79 39.41 10.78
N ASN B 66 -11.60 39.44 10.18
CA ASN B 66 -10.93 40.71 9.85
C ASN B 66 -11.15 41.19 8.41
N GLU B 67 -12.12 40.55 7.74
CA GLU B 67 -12.53 40.90 6.37
C GLU B 67 -11.35 40.98 5.37
N GLY B 68 -10.43 40.02 5.49
CA GLY B 68 -9.33 39.86 4.53
C GLY B 68 -8.05 40.60 4.89
N ASP B 69 -8.01 41.19 6.08
CA ASP B 69 -6.83 41.92 6.57
C ASP B 69 -5.66 40.98 6.85
N VAL B 70 -4.88 40.66 5.80
CA VAL B 70 -3.75 39.73 5.93
C VAL B 70 -2.65 40.24 6.84
N GLU B 71 -2.48 41.57 6.85
CA GLU B 71 -1.53 42.25 7.74
C GLU B 71 -1.74 41.85 9.19
N LYS B 72 -2.98 41.94 9.65
CA LYS B 72 -3.30 41.61 11.02
C LYS B 72 -2.89 40.18 11.39
N SER B 73 -3.10 39.24 10.46
CA SER B 73 -2.81 37.81 10.69
C SER B 73 -1.31 37.49 10.71
N LYS B 74 -0.48 38.45 10.25
CA LYS B 74 0.99 38.28 10.28
C LYS B 74 1.65 38.84 11.55
N ARG B 75 0.84 39.32 12.49
CA ARG B 75 1.34 39.98 13.68
C ARG B 75 2.14 39.06 14.61
N ALA B 76 1.86 37.77 14.51
CA ALA B 76 2.46 36.77 15.37
C ALA B 76 2.06 35.42 14.80
N PRO B 77 2.77 34.37 15.19
CA PRO B 77 2.45 33.05 14.68
C PRO B 77 1.16 32.50 15.28
N THR B 78 0.63 31.47 14.59
CA THR B 78 -0.62 30.79 14.93
C THR B 78 -0.79 30.54 16.44
N HIS B 79 0.20 29.91 17.06
CA HIS B 79 0.10 29.49 18.45
C HIS B 79 -0.02 30.64 19.45
N GLN B 80 0.46 31.83 19.06
CA GLN B 80 0.35 33.03 19.88
C GLN B 80 -0.88 33.86 19.52
N ARG B 81 -1.43 33.66 18.33
CA ARG B 81 -2.65 34.39 17.94
C ARG B 81 -3.88 33.71 18.56
N PHE B 82 -3.77 32.40 18.77
CA PHE B 82 -4.96 31.56 19.10
C PHE B 82 -4.67 30.67 20.32
N PRO B 83 -5.27 31.01 21.49
CA PRO B 83 -5.15 30.22 22.69
C PRO B 83 -5.65 28.78 22.50
N PHE B 84 -4.80 27.83 22.87
CA PHE B 84 -5.03 26.39 22.74
C PHE B 84 -5.43 25.96 24.16
N LEU B 85 -6.74 25.96 24.41
CA LEU B 85 -7.29 25.92 25.78
C LEU B 85 -6.66 24.89 26.73
N GLU B 86 -6.58 23.62 26.30
CA GLU B 86 -6.12 22.57 27.22
C GLU B 86 -4.60 22.42 27.25
N MET B 87 -3.89 23.19 26.44
CA MET B 87 -2.42 23.00 26.30
C MET B 87 -1.69 23.51 27.55
N LYS B 88 -0.79 22.68 28.09
CA LYS B 88 0.19 23.11 29.12
C LYS B 88 1.49 22.35 28.88
N ILE B 89 2.43 23.04 28.22
CA ILE B 89 3.67 22.40 27.72
C ILE B 89 4.87 23.27 28.09
N PRO B 90 5.91 22.66 28.73
CA PRO B 90 7.14 23.39 29.09
C PRO B 90 7.67 24.21 27.91
N SER B 91 7.92 25.49 28.17
CA SER B 91 8.44 26.46 27.17
C SER B 91 7.39 26.97 26.20
N LEU B 92 6.19 26.41 26.27
CA LEU B 92 5.06 26.90 25.48
C LEU B 92 4.01 27.64 26.35
N GLY B 93 4.16 27.56 27.67
CA GLY B 93 3.22 28.20 28.62
C GLY B 93 1.88 27.47 28.70
N SER B 94 0.82 28.23 28.86
CA SER B 94 -0.53 27.71 29.15
C SER B 94 -1.54 28.35 28.21
N GLY B 95 -2.35 27.54 27.52
CA GLY B 95 -3.43 28.09 26.69
C GLY B 95 -4.45 28.86 27.53
N LEU B 96 -4.70 28.38 28.74
CA LEU B 96 -5.66 29.01 29.65
C LEU B 96 -5.18 30.39 30.05
N GLU B 97 -3.91 30.49 30.44
CA GLU B 97 -3.33 31.80 30.77
C GLU B 97 -3.33 32.69 29.54
N GLN B 98 -3.04 32.11 28.37
CA GLN B 98 -3.05 32.86 27.11
C GLN B 98 -4.43 33.38 26.75
N ALA B 99 -5.45 32.54 26.96
CA ALA B 99 -6.84 32.95 26.79
C ALA B 99 -7.20 34.09 27.76
N HIS B 100 -6.86 33.93 29.04
CA HIS B 100 -7.20 34.96 30.06
C HIS B 100 -6.60 36.30 29.68
N ALA B 101 -5.43 36.26 29.05
CA ALA B 101 -4.72 37.46 28.65
C ALA B 101 -5.15 38.00 27.27
N MET B 102 -5.90 37.20 26.52
CA MET B 102 -6.24 37.57 25.12
C MET B 102 -7.45 38.49 25.05
N PRO B 103 -7.29 39.69 24.42
CA PRO B 103 -8.44 40.59 24.25
C PRO B 103 -9.52 40.00 23.33
N SER B 104 -10.79 40.25 23.67
CA SER B 104 -11.91 39.90 22.79
C SER B 104 -11.90 40.72 21.51
N PRO B 105 -12.46 40.18 20.40
CA PRO B 105 -13.07 38.84 20.26
C PRO B 105 -12.03 37.74 20.06
N ARG B 106 -12.01 36.78 20.98
CA ARG B 106 -11.00 35.75 20.96
C ARG B 106 -11.32 34.70 19.93
N ILE B 107 -10.27 34.14 19.35
CA ILE B 107 -10.38 32.98 18.47
C ILE B 107 -9.59 31.85 19.12
N LEU B 108 -10.33 30.91 19.70
CA LEU B 108 -9.81 29.87 20.55
C LEU B 108 -9.67 28.56 19.79
N LYS B 109 -8.82 27.69 20.31
CA LYS B 109 -8.57 26.36 19.74
C LYS B 109 -8.75 25.26 20.81
N THR B 110 -9.32 24.13 20.41
CA THR B 110 -9.29 22.96 21.25
C THR B 110 -9.25 21.71 20.37
N HIS B 111 -8.67 20.64 20.93
CA HIS B 111 -8.82 19.28 20.41
C HIS B 111 -9.71 18.38 21.32
N LEU B 112 -10.38 18.95 22.34
CA LEU B 112 -11.16 18.09 23.25
C LEU B 112 -12.32 17.36 22.56
N PRO B 113 -12.55 16.06 22.91
CA PRO B 113 -13.79 15.42 22.42
C PRO B 113 -14.96 16.18 23.04
N PHE B 114 -16.10 16.15 22.38
CA PHE B 114 -17.21 17.01 22.76
C PHE B 114 -17.63 16.85 24.22
N HIS B 115 -17.73 15.62 24.69
CA HIS B 115 -18.17 15.41 26.10
C HIS B 115 -17.26 16.09 27.17
N LEU B 116 -16.03 16.42 26.78
CA LEU B 116 -15.08 17.12 27.72
C LEU B 116 -15.01 18.65 27.53
N LEU B 117 -15.85 19.17 26.66
CA LEU B 117 -15.82 20.59 26.34
C LEU B 117 -16.23 21.45 27.54
N PRO B 118 -15.40 22.45 27.90
CA PRO B 118 -15.78 23.39 28.95
C PRO B 118 -17.19 23.96 28.70
N PRO B 119 -18.12 23.76 29.66
CA PRO B 119 -19.55 24.09 29.43
C PRO B 119 -19.84 25.55 29.17
N SER B 120 -18.97 26.44 29.65
CA SER B 120 -19.18 27.87 29.39
C SER B 120 -19.25 28.20 27.88
N LEU B 121 -18.51 27.45 27.05
CA LEU B 121 -18.54 27.63 25.59
C LEU B 121 -19.94 27.35 25.04
N LEU B 122 -20.63 26.41 25.68
CA LEU B 122 -22.03 26.08 25.37
C LEU B 122 -23.01 27.08 26.01
N GLU B 123 -22.85 27.35 27.30
CA GLU B 123 -23.75 28.29 28.01
C GLU B 123 -23.78 29.67 27.32
N LYS B 124 -22.61 30.13 26.84
CA LYS B 124 -22.48 31.45 26.18
C LYS B 124 -22.88 31.41 24.69
N ASN B 125 -23.25 30.21 24.21
CA ASN B 125 -23.68 30.02 22.82
C ASN B 125 -22.63 30.45 21.79
N CYS B 126 -21.35 30.27 22.11
CA CYS B 126 -20.25 30.62 21.21
C CYS B 126 -20.36 29.91 19.88
N LYS B 127 -20.01 30.60 18.79
CA LYS B 127 -19.96 29.96 17.48
C LYS B 127 -18.74 29.04 17.46
N ILE B 128 -18.97 27.77 17.12
CA ILE B 128 -17.92 26.75 17.08
C ILE B 128 -17.83 26.24 15.65
N ILE B 129 -16.60 26.17 15.14
CA ILE B 129 -16.32 25.57 13.85
C ILE B 129 -15.58 24.28 14.14
N TYR B 130 -16.24 23.15 13.85
CA TYR B 130 -15.60 21.86 13.96
C TYR B 130 -15.18 21.37 12.57
N VAL B 131 -13.96 20.89 12.50
CA VAL B 131 -13.45 20.34 11.24
C VAL B 131 -13.03 18.85 11.41
N ALA B 132 -13.66 18.00 10.58
CA ALA B 132 -13.34 16.57 10.51
C ALA B 132 -12.56 16.30 9.24
N ARG B 133 -11.70 15.29 9.32
CA ARG B 133 -10.91 14.86 8.17
C ARG B 133 -11.01 13.34 8.05
N ASN B 134 -10.90 12.80 6.83
CA ASN B 134 -11.02 11.34 6.66
C ASN B 134 -9.95 10.72 7.54
N PRO B 135 -10.29 9.60 8.22
CA PRO B 135 -9.39 9.04 9.26
C PRO B 135 -8.06 8.47 8.72
N LYS B 136 -8.02 8.12 7.45
CA LYS B 136 -6.79 7.57 6.86
C LYS B 136 -5.74 8.70 6.68
N ASP B 137 -6.11 9.79 6.02
CA ASP B 137 -5.23 10.97 5.96
C ASP B 137 -4.99 11.52 7.37
N ASN B 138 -5.99 11.49 8.24
CA ASN B 138 -5.79 11.96 9.63
C ASN B 138 -4.72 11.09 10.34
N MET B 139 -4.78 9.76 10.17
CA MET B 139 -3.80 8.86 10.79
C MET B 139 -2.37 9.15 10.33
N VAL B 140 -2.21 9.30 9.01
CA VAL B 140 -0.89 9.58 8.40
C VAL B 140 -0.35 10.94 8.90
N SER B 141 -1.19 11.96 8.89
CA SER B 141 -0.79 13.28 9.35
C SER B 141 -0.33 13.25 10.80
N TYR B 142 -1.06 12.52 11.65
CA TYR B 142 -0.77 12.44 13.08
C TYR B 142 0.51 11.62 13.33
N TYR B 143 0.70 10.58 12.51
CA TYR B 143 1.93 9.75 12.50
C TYR B 143 3.18 10.61 12.35
N HIS B 144 3.24 11.39 11.27
CA HIS B 144 4.41 12.24 10.99
C HIS B 144 4.55 13.40 11.96
N PHE B 145 3.43 13.86 12.50
CA PHE B 145 3.46 14.89 13.50
C PHE B 145 4.15 14.37 14.78
N GLN B 146 3.83 13.13 15.17
CA GLN B 146 4.45 12.48 16.34
C GLN B 146 5.95 12.17 16.13
N ARG B 147 6.33 11.83 14.90
CA ARG B 147 7.76 11.73 14.53
C ARG B 147 8.52 13.04 14.83
N MET B 148 7.94 14.17 14.42
CA MET B 148 8.62 15.46 14.48
C MET B 148 8.45 16.22 15.80
N ASN B 149 7.32 15.99 16.46
CA ASN B 149 6.91 16.76 17.65
C ASN B 149 7.23 15.99 18.94
N LYS B 150 8.26 16.47 19.66
CA LYS B 150 8.77 15.81 20.86
C LYS B 150 7.87 15.95 22.11
N ALA B 151 6.83 16.79 22.02
CA ALA B 151 5.82 16.86 23.11
C ALA B 151 4.86 15.65 23.09
N LEU B 152 4.90 14.90 22.00
CA LEU B 152 4.02 13.73 21.81
C LEU B 152 4.82 12.44 21.93
N PRO B 153 4.14 11.30 22.16
CA PRO B 153 4.82 9.98 22.18
C PRO B 153 5.51 9.64 20.87
N ALA B 154 6.61 8.90 20.96
CA ALA B 154 7.24 8.33 19.76
C ALA B 154 6.22 7.34 19.18
N PRO B 155 5.93 7.47 17.86
CA PRO B 155 4.84 6.68 17.23
C PRO B 155 5.14 5.19 17.02
N GLY B 156 6.41 4.80 17.20
CA GLY B 156 6.86 3.45 16.80
C GLY B 156 6.95 3.36 15.29
N THR B 157 7.00 2.14 14.77
CA THR B 157 7.03 1.93 13.33
C THR B 157 5.67 2.33 12.74
N TRP B 158 5.63 2.60 11.44
CA TRP B 158 4.33 2.84 10.78
C TRP B 158 3.31 1.73 11.09
N GLU B 159 3.75 0.46 11.01
CA GLU B 159 2.88 -0.69 11.24
C GLU B 159 2.34 -0.74 12.69
N GLU B 160 3.18 -0.33 13.63
CA GLU B 160 2.78 -0.18 15.04
C GLU B 160 1.80 0.99 15.23
N TYR B 161 2.16 2.15 14.68
CA TYR B 161 1.31 3.35 14.82
C TYR B 161 -0.11 3.17 14.25
N PHE B 162 -0.17 2.57 13.07
CA PHE B 162 -1.45 2.16 12.49
C PHE B 162 -2.40 1.52 13.54
N GLU B 163 -1.92 0.53 14.29
CA GLU B 163 -2.74 -0.14 15.33
C GLU B 163 -2.97 0.72 16.57
N THR B 164 -1.98 1.51 16.94
CA THR B 164 -2.10 2.48 18.06
C THR B 164 -3.25 3.45 17.78
N PHE B 165 -3.24 4.03 16.58
CA PHE B 165 -4.27 4.97 16.15
C PHE B 165 -5.64 4.29 16.05
N LEU B 166 -5.66 3.10 15.44
CA LEU B 166 -6.89 2.34 15.31
C LEU B 166 -7.53 2.10 16.68
N ALA B 167 -6.68 1.90 17.69
CA ALA B 167 -7.09 1.59 19.06
C ALA B 167 -7.51 2.84 19.86
N GLY B 168 -7.28 4.03 19.30
CA GLY B 168 -7.51 5.31 19.99
C GLY B 168 -6.51 5.62 21.09
N LYS B 169 -5.39 4.89 21.12
CA LYS B 169 -4.39 5.07 22.19
C LYS B 169 -3.37 6.17 21.87
N VAL B 170 -3.87 7.28 21.33
CA VAL B 170 -3.08 8.46 20.99
C VAL B 170 -3.63 9.63 21.78
N CYS B 171 -2.89 10.75 21.80
CA CYS B 171 -3.39 11.90 22.56
C CYS B 171 -4.70 12.39 21.95
N TRP B 172 -5.65 12.69 22.85
CA TRP B 172 -7.03 13.13 22.56
C TRP B 172 -7.98 11.96 22.20
N GLY B 173 -7.44 10.74 22.22
CA GLY B 173 -8.27 9.53 22.20
C GLY B 173 -8.73 9.06 20.82
N SER B 174 -9.85 8.35 20.80
CA SER B 174 -10.37 7.72 19.58
C SER B 174 -10.84 8.74 18.56
N TRP B 175 -10.27 8.70 17.35
CA TRP B 175 -10.75 9.50 16.22
C TRP B 175 -12.25 9.27 16.02
N HIS B 176 -12.67 7.99 16.06
CA HIS B 176 -14.07 7.63 15.80
C HIS B 176 -15.00 8.29 16.79
N GLU B 177 -14.66 8.23 18.05
CA GLU B 177 -15.55 8.77 19.07
C GLU B 177 -15.56 10.30 18.99
N HIS B 178 -14.43 10.87 18.56
CA HIS B 178 -14.27 12.32 18.48
C HIS B 178 -15.20 12.89 17.42
N VAL B 179 -15.08 12.40 16.17
CA VAL B 179 -15.90 12.95 15.08
C VAL B 179 -17.41 12.71 15.27
N LYS B 180 -17.76 11.52 15.78
CA LYS B 180 -19.14 11.17 16.08
C LYS B 180 -19.78 12.04 17.17
N GLY B 181 -19.06 12.25 18.27
CA GLY B 181 -19.57 13.07 19.36
C GLY B 181 -19.85 14.46 18.87
N TRP B 182 -18.93 15.03 18.11
CA TRP B 182 -19.10 16.37 17.58
C TRP B 182 -20.22 16.46 16.51
N TRP B 183 -20.43 15.39 15.74
CA TRP B 183 -21.47 15.37 14.72
C TRP B 183 -22.85 15.39 15.42
N GLU B 184 -22.96 14.62 16.48
CA GLU B 184 -24.21 14.55 17.24
C GLU B 184 -24.44 15.91 17.93
N ALA B 185 -23.36 16.50 18.42
CA ALA B 185 -23.45 17.80 19.12
C ALA B 185 -23.99 18.91 18.24
N LYS B 186 -23.73 18.85 16.92
CA LYS B 186 -24.12 19.94 16.03
C LYS B 186 -25.62 20.15 15.98
N ASP B 187 -26.39 19.12 16.33
CA ASP B 187 -27.86 19.17 16.30
C ASP B 187 -28.48 20.02 17.41
N LYS B 188 -27.73 20.21 18.51
CA LYS B 188 -28.22 20.91 19.70
C LYS B 188 -27.43 22.19 20.01
N HIS B 189 -26.22 22.30 19.44
CA HIS B 189 -25.34 23.45 19.74
C HIS B 189 -24.91 24.21 18.46
N ARG B 190 -24.36 25.41 18.67
CA ARG B 190 -24.06 26.31 17.57
C ARG B 190 -22.74 25.93 16.88
N ILE B 191 -22.78 24.80 16.15
CA ILE B 191 -21.58 24.26 15.53
C ILE B 191 -21.75 24.21 14.03
N LEU B 192 -20.76 24.72 13.33
CA LEU B 192 -20.63 24.56 11.88
C LEU B 192 -19.65 23.42 11.66
N TYR B 193 -20.14 22.34 11.05
CA TYR B 193 -19.36 21.12 10.94
C TYR B 193 -18.85 21.02 9.53
N LEU B 194 -17.55 21.14 9.39
CA LEU B 194 -16.89 21.14 8.05
C LEU B 194 -15.99 19.93 7.85
N PHE B 195 -15.62 19.70 6.58
CA PHE B 195 -14.72 18.58 6.21
C PHE B 195 -13.53 19.10 5.48
N TYR B 196 -12.37 18.73 5.97
CA TYR B 196 -11.08 19.06 5.33
C TYR B 196 -11.13 18.88 3.78
N GLU B 197 -11.74 17.77 3.34
CA GLU B 197 -11.74 17.37 1.91
C GLU B 197 -12.59 18.33 1.08
N ASP B 198 -13.67 18.84 1.68
CA ASP B 198 -14.54 19.83 1.01
C ASP B 198 -13.78 21.15 0.91
N MET B 199 -13.08 21.49 1.99
CA MET B 199 -12.25 22.68 2.03
C MET B 199 -11.18 22.65 0.94
N LYS B 200 -10.64 21.47 0.69
CA LYS B 200 -9.61 21.31 -0.32
C LYS B 200 -10.17 21.33 -1.73
N LYS B 201 -11.33 20.70 -1.91
CA LYS B 201 -11.95 20.53 -3.25
C LYS B 201 -12.59 21.83 -3.78
N ASN B 202 -13.30 22.54 -2.90
CA ASN B 202 -13.88 23.83 -3.26
C ASN B 202 -13.64 24.83 -2.13
N PRO B 203 -12.40 25.34 -2.02
CA PRO B 203 -12.07 26.24 -0.91
C PRO B 203 -12.98 27.45 -0.81
N LYS B 204 -13.36 28.03 -1.97
CA LYS B 204 -14.18 29.25 -1.97
C LYS B 204 -15.56 28.95 -1.40
N HIS B 205 -16.12 27.82 -1.80
CA HIS B 205 -17.44 27.44 -1.31
C HIS B 205 -17.49 27.32 0.20
N GLU B 206 -16.48 26.67 0.77
CA GLU B 206 -16.44 26.45 2.23
C GLU B 206 -16.11 27.75 2.99
N ILE B 207 -15.32 28.64 2.34
CA ILE B 207 -15.06 29.98 2.89
C ILE B 207 -16.33 30.82 2.92
N GLN B 208 -17.14 30.72 1.87
CA GLN B 208 -18.40 31.47 1.84
C GLN B 208 -19.32 30.96 2.96
N LYS B 209 -19.33 29.64 3.15
CA LYS B 209 -20.17 29.00 4.15
C LYS B 209 -19.75 29.48 5.53
N LEU B 210 -18.44 29.48 5.80
CA LEU B 210 -17.91 29.97 7.06
C LEU B 210 -18.23 31.45 7.30
N ALA B 211 -18.12 32.27 6.25
CA ALA B 211 -18.40 33.69 6.35
C ALA B 211 -19.84 33.92 6.78
N GLU B 212 -20.75 33.18 6.16
CA GLU B 212 -22.17 33.32 6.49
C GLU B 212 -22.44 32.90 7.94
N PHE B 213 -21.78 31.81 8.39
CA PHE B 213 -21.87 31.34 9.78
C PHE B 213 -21.36 32.39 10.81
N ILE B 214 -20.19 32.97 10.54
CA ILE B 214 -19.55 34.00 11.39
C ILE B 214 -20.36 35.34 11.31
N GLY B 215 -21.09 35.53 10.22
CA GLY B 215 -21.96 36.69 10.08
C GLY B 215 -21.35 37.81 9.26
N LYS B 216 -20.25 37.51 8.54
CA LYS B 216 -19.60 38.54 7.70
C LYS B 216 -20.07 38.48 6.25
N LYS B 217 -20.49 39.62 5.71
CA LYS B 217 -20.91 39.70 4.33
C LYS B 217 -19.70 40.18 3.54
N LEU B 218 -18.99 39.24 2.93
CA LEU B 218 -17.76 39.54 2.20
C LEU B 218 -18.00 39.58 0.70
N ASP B 219 -17.48 40.61 0.04
CA ASP B 219 -17.63 40.72 -1.39
C ASP B 219 -16.73 39.70 -2.12
N ASP B 220 -17.01 39.50 -3.40
CA ASP B 220 -16.31 38.51 -4.20
C ASP B 220 -14.78 38.63 -4.19
N LYS B 221 -14.30 39.87 -4.19
CA LYS B 221 -12.86 40.15 -4.20
C LYS B 221 -12.19 39.71 -2.90
N VAL B 222 -12.88 39.96 -1.78
CA VAL B 222 -12.38 39.55 -0.47
C VAL B 222 -12.40 38.02 -0.33
N LEU B 223 -13.43 37.40 -0.88
CA LEU B 223 -13.53 35.93 -0.81
C LEU B 223 -12.37 35.33 -1.58
N ASP B 224 -12.12 35.86 -2.77
CA ASP B 224 -11.02 35.37 -3.59
C ASP B 224 -9.65 35.56 -2.93
N LYS B 225 -9.51 36.69 -2.24
CA LYS B 225 -8.28 37.02 -1.55
C LYS B 225 -8.00 35.99 -0.42
N ILE B 226 -9.04 35.68 0.35
CA ILE B 226 -8.92 34.67 1.42
C ILE B 226 -8.59 33.28 0.85
N VAL B 227 -9.24 32.92 -0.25
CA VAL B 227 -8.89 31.67 -0.95
C VAL B 227 -7.38 31.64 -1.28
N HIS B 228 -6.89 32.74 -1.84
CA HIS B 228 -5.47 32.79 -2.18
C HIS B 228 -4.56 32.60 -0.95
N TYR B 229 -4.78 33.42 0.07
CA TYR B 229 -3.91 33.43 1.25
C TYR B 229 -3.97 32.18 2.12
N THR B 230 -5.07 31.42 2.01
CA THR B 230 -5.22 30.22 2.82
C THR B 230 -4.97 28.93 2.02
N SER B 231 -4.45 29.06 0.80
CA SER B 231 -4.02 27.87 0.05
C SER B 231 -2.79 27.26 0.74
N PHE B 232 -2.63 25.94 0.61
CA PHE B 232 -1.48 25.23 1.22
C PHE B 232 -0.14 25.87 0.82
N ASP B 233 0.07 26.05 -0.49
CA ASP B 233 1.35 26.56 -0.97
C ASP B 233 1.72 27.92 -0.36
N VAL B 234 0.72 28.79 -0.18
CA VAL B 234 0.96 30.12 0.38
C VAL B 234 1.22 30.02 1.89
N MET B 235 0.36 29.29 2.59
CA MET B 235 0.51 29.15 4.04
C MET B 235 1.80 28.44 4.44
N LYS B 236 2.20 27.45 3.65
CA LYS B 236 3.47 26.73 3.87
C LYS B 236 4.68 27.69 3.95
N GLN B 237 4.65 28.76 3.14
CA GLN B 237 5.77 29.73 3.02
C GLN B 237 5.60 30.95 3.97
N ASN B 238 4.45 30.99 4.63
CA ASN B 238 4.12 32.03 5.59
C ASN B 238 4.71 31.71 6.98
N PRO B 239 5.79 32.42 7.39
CA PRO B 239 6.47 32.09 8.68
C PRO B 239 5.57 32.31 9.92
N MET B 240 4.46 33.03 9.75
CA MET B 240 3.48 33.22 10.85
C MET B 240 2.39 32.13 10.89
N ALA B 241 2.35 31.26 9.87
CA ALA B 241 1.30 30.24 9.77
C ALA B 241 1.79 28.79 9.61
N ASN B 242 3.10 28.58 9.57
CA ASN B 242 3.68 27.28 9.26
C ASN B 242 4.39 26.61 10.44
N TYR B 243 4.25 27.18 11.62
CA TYR B 243 4.86 26.60 12.85
C TYR B 243 6.41 26.61 12.91
N SER B 244 7.05 27.37 12.01
CA SER B 244 8.53 27.47 12.02
C SER B 244 9.06 28.09 13.33
N SER B 245 8.20 28.89 13.98
CA SER B 245 8.59 29.68 15.15
C SER B 245 8.55 28.89 16.48
N ILE B 246 8.08 27.65 16.42
CA ILE B 246 8.04 26.80 17.61
C ILE B 246 9.47 26.45 18.01
N PRO B 247 9.77 26.45 19.33
CA PRO B 247 11.11 26.07 19.76
C PRO B 247 11.58 24.79 19.07
N ALA B 248 12.79 24.85 18.51
CA ALA B 248 13.40 23.73 17.76
C ALA B 248 13.50 22.44 18.58
N GLU B 249 13.45 22.60 19.91
CA GLU B 249 13.53 21.47 20.84
C GLU B 249 12.19 20.73 20.95
N ILE B 250 11.09 21.44 20.67
CA ILE B 250 9.75 20.83 20.64
C ILE B 250 9.51 20.19 19.24
N MET B 251 9.56 21.01 18.18
CA MET B 251 9.29 20.52 16.82
C MET B 251 10.53 20.59 15.94
N ASP B 252 10.85 19.45 15.33
CA ASP B 252 11.96 19.36 14.38
C ASP B 252 11.44 19.20 12.96
N HIS B 253 11.34 20.32 12.24
CA HIS B 253 10.75 20.30 10.89
C HIS B 253 11.60 19.55 9.85
N SER B 254 12.87 19.29 10.18
CA SER B 254 13.73 18.52 9.30
C SER B 254 13.32 17.04 9.31
N ILE B 255 12.64 16.60 10.39
CA ILE B 255 12.11 15.23 10.46
C ILE B 255 10.85 15.13 9.60
N SER B 256 9.90 16.02 9.87
CA SER B 256 8.78 16.24 9.00
C SER B 256 8.30 17.66 9.24
N PRO B 257 8.03 18.40 8.16
CA PRO B 257 7.58 19.80 8.33
C PRO B 257 6.13 19.82 8.81
N PHE B 258 5.72 20.87 9.50
CA PHE B 258 4.36 20.96 9.95
C PHE B 258 3.44 21.05 8.74
N MET B 259 3.82 21.89 7.78
CA MET B 259 3.09 21.95 6.52
C MET B 259 3.68 20.88 5.61
N ARG B 260 3.17 19.66 5.78
CA ARG B 260 3.77 18.48 5.19
C ARG B 260 3.44 18.31 3.70
N LYS B 261 2.17 18.01 3.41
CA LYS B 261 1.73 17.78 2.03
C LYS B 261 0.48 18.59 1.71
N GLY B 262 -0.44 18.67 2.68
CA GLY B 262 -1.71 19.40 2.53
C GLY B 262 -2.62 18.81 1.44
N ALA B 263 -2.57 17.50 1.30
CA ALA B 263 -3.24 16.81 0.20
C ALA B 263 -4.22 15.71 0.69
N VAL B 264 -5.35 15.61 0.00
CA VAL B 264 -6.30 14.53 0.24
C VAL B 264 -5.82 13.29 -0.54
N GLY B 265 -5.84 12.13 0.11
CA GLY B 265 -5.44 10.87 -0.53
C GLY B 265 -3.98 10.49 -0.33
N ASP B 266 -3.25 11.30 0.44
CA ASP B 266 -1.84 11.00 0.75
C ASP B 266 -1.70 9.69 1.54
N TRP B 267 -2.75 9.35 2.30
CA TRP B 267 -2.81 8.06 2.97
C TRP B 267 -2.56 6.85 2.02
N LYS B 268 -2.91 6.99 0.75
CA LYS B 268 -2.79 5.88 -0.22
C LYS B 268 -1.30 5.44 -0.40
N LYS B 269 -0.39 6.39 -0.22
CA LYS B 269 1.06 6.11 -0.29
C LYS B 269 1.59 5.42 1.00
N HIS B 270 0.76 5.37 2.03
CA HIS B 270 1.15 4.81 3.35
C HIS B 270 0.53 3.46 3.71
N PHE B 271 -0.75 3.30 3.38
CA PHE B 271 -1.52 2.11 3.69
C PHE B 271 -1.20 1.06 2.65
N THR B 272 -0.81 -0.14 3.10
CA THR B 272 -0.87 -1.33 2.22
C THR B 272 -2.35 -1.71 2.02
N VAL B 273 -2.62 -2.50 0.98
CA VAL B 273 -3.98 -2.94 0.71
C VAL B 273 -4.53 -3.76 1.90
N ALA B 274 -3.65 -4.55 2.53
CA ALA B 274 -4.00 -5.34 3.71
C ALA B 274 -4.40 -4.44 4.91
N GLN B 275 -3.64 -3.38 5.14
CA GLN B 275 -3.97 -2.38 6.19
C GLN B 275 -5.30 -1.73 5.86
N ASN B 276 -5.50 -1.43 4.57
CA ASN B 276 -6.72 -0.79 4.11
C ASN B 276 -7.93 -1.67 4.41
N GLU B 277 -7.86 -2.95 4.05
CA GLU B 277 -8.97 -3.85 4.31
C GLU B 277 -9.26 -3.99 5.82
N ARG B 278 -8.19 -4.15 6.61
CA ARG B 278 -8.31 -4.18 8.09
C ARG B 278 -8.92 -2.88 8.61
N PHE B 279 -8.45 -1.73 8.09
CA PHE B 279 -9.04 -0.44 8.49
C PHE B 279 -10.54 -0.36 8.20
N ASP B 280 -10.92 -0.78 7.00
CA ASP B 280 -12.29 -0.59 6.53
C ASP B 280 -13.28 -1.43 7.34
N GLU B 281 -12.86 -2.64 7.71
CA GLU B 281 -13.69 -3.48 8.57
C GLU B 281 -13.82 -2.87 9.97
N ASP B 282 -12.69 -2.42 10.54
CA ASP B 282 -12.69 -1.78 11.85
C ASP B 282 -13.65 -0.58 11.85
N TYR B 283 -13.52 0.22 10.81
CA TYR B 283 -14.33 1.44 10.62
C TYR B 283 -15.83 1.13 10.62
N LYS B 284 -16.25 0.16 9.80
CA LYS B 284 -17.64 -0.26 9.82
C LYS B 284 -18.16 -0.62 11.20
N LYS B 285 -17.36 -1.38 11.98
CA LYS B 285 -17.81 -1.82 13.31
C LYS B 285 -18.00 -0.66 14.29
N LYS B 286 -17.25 0.43 14.07
CA LYS B 286 -17.25 1.63 14.91
C LYS B 286 -18.20 2.75 14.45
N MET B 287 -18.76 2.61 13.24
CA MET B 287 -19.48 3.73 12.63
C MET B 287 -20.92 3.36 12.22
N THR B 288 -21.49 2.29 12.79
CA THR B 288 -22.84 1.85 12.39
C THR B 288 -23.93 2.85 12.77
N ASP B 289 -23.63 3.71 13.74
CA ASP B 289 -24.65 4.58 14.38
C ASP B 289 -24.48 6.05 14.04
N THR B 290 -23.87 6.33 12.90
CA THR B 290 -23.71 7.71 12.47
C THR B 290 -23.92 7.83 10.96
N ARG B 291 -24.56 8.93 10.53
CA ARG B 291 -24.67 9.22 9.10
CA ARG B 291 -24.70 9.26 9.11
C ARG B 291 -23.46 10.00 8.59
N LEU B 292 -22.53 10.30 9.49
CA LEU B 292 -21.26 10.91 9.14
C LEU B 292 -20.57 10.23 7.94
N THR B 293 -20.71 8.91 7.86
CA THR B 293 -20.02 8.15 6.84
C THR B 293 -20.38 8.51 5.39
N PHE B 294 -21.63 8.93 5.16
CA PHE B 294 -22.06 9.40 3.84
C PHE B 294 -21.37 10.72 3.47
N HIS B 295 -20.56 11.23 4.39
CA HIS B 295 -19.90 12.51 4.20
C HIS B 295 -18.41 12.37 3.86
N PHE B 296 -17.69 11.45 4.52
CA PHE B 296 -16.22 11.35 4.31
C PHE B 296 -15.79 10.97 2.90
N GLN B 297 -14.89 11.78 2.37
CA GLN B 297 -14.21 11.54 1.11
C GLN B 297 -12.77 11.13 1.39
N PHE B 298 -12.23 10.26 0.54
CA PHE B 298 -10.92 9.64 0.76
C PHE B 298 -9.99 9.84 -0.44
P1 A3P C . 5.74 -17.35 -3.86
O1P A3P C . 7.02 -16.58 -4.08
O2P A3P C . 5.71 -18.32 -2.70
O3P A3P C . 4.48 -16.51 -3.94
P2 A3P C . 8.31 -20.69 -10.27
O4P A3P C . 9.62 -19.96 -10.08
O5P A3P C . 8.32 -22.12 -9.95
O6P A3P C . 7.56 -20.29 -11.53
O5' A3P C . 7.28 -20.09 -9.19
C5' A3P C . 7.63 -20.03 -7.78
C4' A3P C . 6.36 -19.63 -7.02
O4' A3P C . 5.39 -20.69 -6.97
C3' A3P C . 6.67 -19.26 -5.58
O3' A3P C . 5.63 -18.34 -5.14
C2' A3P C . 6.56 -20.62 -4.92
O2' A3P C . 6.40 -20.59 -3.50
C1' A3P C . 5.31 -21.17 -5.59
N9 A3P C . 5.14 -22.62 -5.43
C8 A3P C . 6.08 -23.60 -5.57
N7 A3P C . 5.52 -24.82 -5.34
C5 A3P C . 4.20 -24.61 -5.07
C6 A3P C . 3.04 -25.45 -4.71
N6 A3P C . 3.17 -26.79 -4.64
N1 A3P C . 1.83 -24.83 -4.50
C2 A3P C . 1.71 -23.49 -4.59
N3 A3P C . 2.74 -22.67 -4.88
C4 A3P C . 3.98 -23.17 -5.14
O1 PCI D . 12.86 -19.72 -13.00
C1 PCI D . 14.18 -19.56 -12.76
C2 PCI D . 14.84 -18.42 -13.19
CL1 PCI D . 13.93 -17.23 -14.01
C3 PCI D . 16.20 -18.29 -12.95
CL2 PCI D . 17.03 -16.89 -13.46
C4 PCI D . 16.91 -19.29 -12.27
CL3 PCI D . 18.61 -19.20 -11.95
C5 PCI D . 16.25 -20.40 -11.85
CL4 PCI D . 17.10 -21.65 -11.03
C6 PCI D . 14.90 -20.54 -12.07
CL5 PCI D . 14.13 -21.92 -11.47
UNK UNX E . -9.04 -2.66 -12.58
UNK UNX F . -9.18 -12.57 -26.31
UNK UNX G . 0.07 -36.71 -29.30
P1 A3P H . -0.60 16.83 6.32
O1P A3P H . 0.17 16.22 7.45
O2P A3P H . 0.23 17.67 5.38
O3P A3P H . -1.48 15.80 5.62
P2 A3P H . -3.48 20.74 12.19
O4P A3P H . -2.39 20.21 13.07
O5P A3P H . -3.37 22.17 11.76
O6P A3P H . -4.89 20.38 12.76
O5' A3P H . -3.42 19.93 10.81
C5' A3P H . -2.20 19.86 10.04
C4' A3P H . -2.54 19.28 8.68
O4' A3P H . -3.27 20.24 7.90
C3' A3P H . -1.30 18.97 7.88
O3' A3P H . -1.65 17.90 6.96
C2' A3P H . -1.04 20.27 7.16
O2' A3P H . -0.14 20.15 6.05
C1' A3P H . -2.46 20.61 6.76
N9 A3P H . -2.62 21.98 6.33
C8 A3P H . -2.15 23.10 6.93
N7 A3P H . -2.50 24.18 6.22
C5 A3P H . -3.17 23.74 5.14
C6 A3P H . -3.82 24.37 3.97
N6 A3P H . -3.78 25.72 3.79
N1 A3P H . -4.42 23.56 3.07
C2 A3P H . -4.45 22.21 3.23
N3 A3P H . -3.88 21.58 4.26
C4 A3P H . -3.25 22.30 5.23
O1 PCI I . -2.15 20.78 17.52
C1 PCI I . -1.01 20.77 18.27
C2 PCI I . -0.76 19.78 19.19
CL1 PCI I . -1.87 18.49 19.37
C3 PCI I . 0.41 19.82 19.96
CL2 PCI I . 0.79 18.61 21.10
C4 PCI I . 1.30 20.86 19.78
CL3 PCI I . 2.74 20.98 20.69
C5 PCI I . 1.05 21.85 18.85
CL4 PCI I . 2.21 23.10 18.73
C6 PCI I . -0.09 21.81 18.10
CL5 PCI I . -0.39 22.99 16.92
O1 PCI J . -3.38 40.33 -2.88
C1 PCI J . -3.92 39.31 -3.61
C2 PCI J . -5.28 39.30 -3.89
CL1 PCI J . -6.31 40.55 -3.33
C3 PCI J . -5.82 38.26 -4.65
CL2 PCI J . -7.51 38.24 -4.99
C4 PCI J . -5.00 37.24 -5.11
CL3 PCI J . -5.64 35.95 -6.04
C5 PCI J . -3.65 37.27 -4.83
CL4 PCI J . -2.63 36.01 -5.41
C6 PCI J . -3.09 38.29 -4.08
CL5 PCI J . -1.41 38.24 -3.76
UNK UNX K . -25.05 36.47 17.29
UNK UNX L . -13.92 9.65 -1.90
UNK UNX M . -15.11 -4.72 5.64
#